data_9MT9
#
_entry.id   9MT9
#
_cell.length_a   74.252
_cell.length_b   74.252
_cell.length_c   107.189
_cell.angle_alpha   90.000
_cell.angle_beta   90.000
_cell.angle_gamma   90.000
#
_symmetry.space_group_name_H-M   'P 43 2 2'
#
loop_
_entity.id
_entity.type
_entity.pdbx_description
1 polymer 'Heat shock protein 90 homolog'
2 non-polymer 4-(4-hydroxyphenyl)sulfanylphenol
3 water water
#
_entity_poly.entity_id   1
_entity_poly.type   'polypeptide(L)'
_entity_poly.pdbx_seq_one_letter_code
;MADAKVETHEFTAEISQLMSLIINTVYSNKEIFLRELISNASDALDKIRYQALSDPSQLESEPELFIRIIPQKDQKVLEI
RDSGIGMTKADLVNNLGTIAKSGTKSFMEALSAGADVSMIGQFGVGFYSLFLVADHVQVISKHNDDEQYVWESNAGGKFT
VTLDETNERLGRGTMLRLFLKEDQLEYLEEKRIKEVVKKHSEFVAYPIQLVVTKEVEKNLYFQSGSHHHHHH
;
_entity_poly.pdbx_strand_id   A
#
# COMPACT_ATOMS: atom_id res chain seq x y z
N LYS A 5 14.20 17.62 1.58
CA LYS A 5 13.17 18.67 1.76
C LYS A 5 11.79 18.10 2.14
N VAL A 6 11.49 18.06 3.44
CA VAL A 6 10.38 17.29 4.00
C VAL A 6 9.17 18.21 4.23
N GLU A 7 8.10 17.97 3.47
CA GLU A 7 6.82 18.67 3.62
C GLU A 7 5.94 17.91 4.59
N THR A 8 5.46 18.59 5.64
CA THR A 8 4.54 17.97 6.60
C THR A 8 3.11 18.42 6.33
N HIS A 9 2.20 17.48 6.38
CA HIS A 9 0.80 17.75 6.15
C HIS A 9 0.01 17.08 7.24
N GLU A 10 -1.24 17.46 7.37
CA GLU A 10 -2.14 16.86 8.35
C GLU A 10 -3.21 16.06 7.65
N PHE A 11 -3.50 14.90 8.21
CA PHE A 11 -4.58 14.07 7.70
C PHE A 11 -5.94 14.72 7.96
N THR A 12 -6.85 14.58 7.02
CA THR A 12 -8.26 14.80 7.31
C THR A 12 -8.62 14.04 8.59
N ALA A 13 -9.44 14.66 9.43
CA ALA A 13 -9.69 14.10 10.76
C ALA A 13 -10.21 12.67 10.68
N GLU A 14 -11.12 12.39 9.73
CA GLU A 14 -11.74 11.07 9.71
C GLU A 14 -10.81 9.99 9.18
N ILE A 15 -9.80 10.35 8.40
CA ILE A 15 -8.79 9.36 8.04
C ILE A 15 -7.93 9.03 9.26
N SER A 16 -7.49 10.05 9.99
CA SER A 16 -6.77 9.82 11.24
CA SER A 16 -6.79 9.83 11.25
C SER A 16 -7.58 8.92 12.17
N GLN A 17 -8.90 9.15 12.26
CA GLN A 17 -9.74 8.33 13.13
C GLN A 17 -9.70 6.87 12.70
N LEU A 18 -9.75 6.63 11.40
CA LEU A 18 -9.83 5.26 10.94
C LEU A 18 -8.48 4.56 11.06
N MET A 19 -7.38 5.28 10.83
CA MET A 19 -6.07 4.68 11.06
C MET A 19 -5.93 4.25 12.52
N SER A 20 -6.34 5.12 13.44
CA SER A 20 -6.26 4.79 14.86
CA SER A 20 -6.24 4.77 14.85
C SER A 20 -7.10 3.56 15.20
N LEU A 21 -8.28 3.47 14.60
CA LEU A 21 -9.14 2.34 14.84
C LEU A 21 -8.50 1.05 14.35
N ILE A 22 -7.97 1.08 13.12
CA ILE A 22 -7.40 -0.14 12.53
C ILE A 22 -6.12 -0.57 13.26
N ILE A 23 -5.24 0.39 13.57
CA ILE A 23 -3.97 0.00 14.13
C ILE A 23 -4.16 -0.59 15.51
N ASN A 24 -5.28 -0.31 16.17
CA ASN A 24 -5.54 -0.80 17.51
C ASN A 24 -6.48 -2.01 17.57
N THR A 25 -7.20 -2.32 16.49
CA THR A 25 -8.15 -3.42 16.51
C THR A 25 -7.46 -4.76 16.76
N VAL A 26 -8.19 -5.68 17.41
CA VAL A 26 -7.64 -7.01 17.70
C VAL A 26 -8.19 -8.07 16.74
N TYR A 27 -8.88 -7.67 15.68
CA TYR A 27 -9.34 -8.57 14.60
C TYR A 27 -8.39 -9.73 14.35
N SER A 28 -8.94 -10.92 14.13
CA SER A 28 -8.16 -12.16 14.12
CA SER A 28 -8.17 -12.17 14.12
C SER A 28 -7.87 -12.70 12.73
N ASN A 29 -8.26 -12.00 11.67
CA ASN A 29 -8.03 -12.46 10.30
CA ASN A 29 -8.01 -12.45 10.30
C ASN A 29 -7.23 -11.38 9.57
N LYS A 30 -6.08 -10.98 10.14
CA LYS A 30 -5.32 -9.82 9.63
C LYS A 30 -4.71 -10.07 8.25
N GLU A 31 -4.66 -11.32 7.80
CA GLU A 31 -4.02 -11.58 6.50
C GLU A 31 -4.76 -10.93 5.35
N ILE A 32 -6.01 -10.47 5.56
CA ILE A 32 -6.73 -9.82 4.51
C ILE A 32 -6.07 -8.52 4.08
N PHE A 33 -5.12 -7.97 4.86
CA PHE A 33 -4.43 -6.77 4.39
C PHE A 33 -3.80 -7.02 3.02
N LEU A 34 -3.27 -8.23 2.81
CA LEU A 34 -2.50 -8.45 1.58
C LEU A 34 -3.42 -8.48 0.36
N ARG A 35 -4.61 -9.08 0.52
CA ARG A 35 -5.60 -9.00 -0.53
C ARG A 35 -5.91 -7.56 -0.89
N GLU A 36 -6.09 -6.72 0.10
CA GLU A 36 -6.45 -5.33 -0.15
C GLU A 36 -5.34 -4.61 -0.91
N LEU A 37 -4.07 -4.83 -0.51
CA LEU A 37 -2.99 -4.08 -1.17
C LEU A 37 -2.74 -4.61 -2.58
N ILE A 38 -2.90 -5.91 -2.78
CA ILE A 38 -2.82 -6.47 -4.13
C ILE A 38 -3.94 -5.92 -5.00
N SER A 39 -5.13 -5.77 -4.43
CA SER A 39 -6.24 -5.18 -5.18
C SER A 39 -5.96 -3.72 -5.56
N ASN A 40 -5.38 -2.95 -4.64
CA ASN A 40 -4.99 -1.57 -4.99
C ASN A 40 -3.95 -1.56 -6.10
N ALA A 41 -2.97 -2.46 -6.02
CA ALA A 41 -1.94 -2.55 -7.06
C ALA A 41 -2.55 -2.90 -8.39
N SER A 42 -3.45 -3.86 -8.41
CA SER A 42 -4.15 -4.24 -9.64
C SER A 42 -4.94 -3.07 -10.22
N ASP A 43 -5.61 -2.30 -9.37
CA ASP A 43 -6.32 -1.13 -9.86
C ASP A 43 -5.37 -0.13 -10.52
N ALA A 44 -4.21 0.09 -9.89
CA ALA A 44 -3.21 0.99 -10.48
C ALA A 44 -2.71 0.49 -11.83
N LEU A 45 -2.56 -0.82 -11.96
CA LEU A 45 -2.12 -1.40 -13.20
C LEU A 45 -3.22 -1.27 -14.27
N ASP A 46 -4.47 -1.41 -13.83
CA ASP A 46 -5.56 -1.21 -14.78
C ASP A 46 -5.50 0.18 -15.39
N LYS A 47 -5.17 1.18 -14.58
CA LYS A 47 -5.18 2.56 -15.04
C LYS A 47 -4.09 2.83 -16.05
N ILE A 48 -2.88 2.34 -15.80
CA ILE A 48 -1.84 2.53 -16.82
C ILE A 48 -2.13 1.70 -18.07
N ARG A 49 -2.75 0.53 -17.93
CA ARG A 49 -3.09 -0.25 -19.12
C ARG A 49 -4.11 0.52 -19.96
N TYR A 50 -5.08 1.13 -19.29
CA TYR A 50 -6.08 1.95 -20.00
C TYR A 50 -5.41 3.07 -20.77
N GLN A 51 -4.49 3.78 -20.14
CA GLN A 51 -3.81 4.87 -20.83
C GLN A 51 -2.98 4.34 -21.98
N ALA A 52 -2.34 3.20 -21.78
CA ALA A 52 -1.45 2.64 -22.77
C ALA A 52 -2.21 2.09 -23.97
N LEU A 53 -3.50 1.80 -23.81
CA LEU A 53 -4.32 1.40 -24.96
C LEU A 53 -4.39 2.53 -25.99
N SER A 54 -4.55 3.76 -25.52
CA SER A 54 -4.48 4.93 -26.39
C SER A 54 -3.06 5.24 -26.79
N ASP A 55 -2.13 5.28 -25.82
CA ASP A 55 -0.76 5.76 -26.03
C ASP A 55 0.23 4.75 -25.49
N PRO A 56 0.66 3.79 -26.33
CA PRO A 56 1.55 2.72 -25.86
C PRO A 56 2.83 3.23 -25.27
N SER A 57 3.28 4.43 -25.62
CA SER A 57 4.56 4.90 -25.11
C SER A 57 4.51 5.09 -23.59
N GLN A 58 3.32 5.14 -23.00
CA GLN A 58 3.22 5.35 -21.56
C GLN A 58 3.82 4.18 -20.79
N LEU A 59 3.97 3.02 -21.43
CA LEU A 59 4.56 1.87 -20.77
C LEU A 59 6.07 1.91 -20.77
N GLU A 60 6.68 2.77 -21.59
CA GLU A 60 8.12 2.67 -21.84
C GLU A 60 8.96 2.94 -20.59
N SER A 61 8.44 3.69 -19.64
CA SER A 61 9.12 3.95 -18.36
C SER A 61 9.29 2.72 -17.48
N GLU A 62 8.52 1.66 -17.73
CA GLU A 62 8.62 0.38 -17.03
C GLU A 62 7.76 -0.60 -17.81
N PRO A 63 8.34 -1.31 -18.77
CA PRO A 63 7.52 -2.02 -19.75
C PRO A 63 6.74 -3.22 -19.22
N GLU A 64 7.20 -3.83 -18.14
CA GLU A 64 6.60 -5.04 -17.57
C GLU A 64 5.54 -4.59 -16.56
N LEU A 65 4.33 -5.18 -16.66
CA LEU A 65 3.24 -4.96 -15.72
C LEU A 65 3.26 -6.09 -14.69
N PHE A 66 3.45 -5.72 -13.42
CA PHE A 66 3.63 -6.73 -12.39
C PHE A 66 3.23 -6.19 -11.04
N ILE A 67 3.00 -7.13 -10.11
CA ILE A 67 2.88 -6.90 -8.67
C ILE A 67 3.95 -7.76 -8.02
N ARG A 68 4.77 -7.16 -7.18
CA ARG A 68 5.94 -7.86 -6.64
C ARG A 68 5.97 -7.69 -5.15
N ILE A 69 6.13 -8.81 -4.42
CA ILE A 69 6.15 -8.81 -2.96
C ILE A 69 7.58 -9.12 -2.54
N ILE A 70 8.16 -8.25 -1.72
CA ILE A 70 9.59 -8.34 -1.39
C ILE A 70 9.80 -8.31 0.11
N PRO A 71 9.91 -9.46 0.77
CA PRO A 71 10.17 -9.40 2.20
C PRO A 71 11.59 -8.93 2.47
N GLN A 72 11.75 -8.08 3.48
CA GLN A 72 13.06 -7.55 3.87
C GLN A 72 13.28 -7.96 5.33
N LYS A 73 13.65 -9.23 5.52
CA LYS A 73 13.69 -9.79 6.89
C LYS A 73 14.57 -8.98 7.80
N ASP A 74 15.73 -8.55 7.30
CA ASP A 74 16.68 -7.81 8.13
C ASP A 74 16.09 -6.51 8.66
N GLN A 75 15.15 -5.91 7.94
CA GLN A 75 14.54 -4.65 8.34
CA GLN A 75 14.57 -4.65 8.36
C GLN A 75 13.17 -4.80 9.00
N LYS A 76 12.66 -6.02 9.11
CA LYS A 76 11.29 -6.29 9.52
C LYS A 76 10.30 -5.49 8.68
N VAL A 77 10.53 -5.50 7.36
CA VAL A 77 9.75 -4.72 6.39
C VAL A 77 9.24 -5.66 5.31
N LEU A 78 7.98 -5.47 4.90
CA LEU A 78 7.40 -6.15 3.76
C LEU A 78 7.09 -5.07 2.72
N GLU A 79 7.67 -5.20 1.54
CA GLU A 79 7.41 -4.25 0.43
C GLU A 79 6.44 -4.87 -0.56
N ILE A 80 5.51 -4.05 -1.11
CA ILE A 80 4.57 -4.49 -2.13
C ILE A 80 4.68 -3.46 -3.24
N ARG A 81 5.24 -3.87 -4.36
CA ARG A 81 5.53 -2.98 -5.49
C ARG A 81 4.64 -3.32 -6.69
N ASP A 82 4.17 -2.29 -7.39
CA ASP A 82 3.46 -2.48 -8.65
C ASP A 82 4.07 -1.53 -9.67
N SER A 83 3.94 -1.90 -10.95
CA SER A 83 4.30 -0.99 -12.04
C SER A 83 3.05 -0.34 -12.65
N GLY A 84 2.08 0.01 -11.80
CA GLY A 84 0.91 0.75 -12.25
C GLY A 84 1.13 2.19 -12.59
N ILE A 85 0.03 2.96 -12.60
CA ILE A 85 0.12 4.34 -13.06
C ILE A 85 0.96 5.23 -12.17
N GLY A 86 1.10 4.91 -10.89
CA GLY A 86 1.85 5.77 -10.00
C GLY A 86 1.07 6.99 -9.57
N MET A 87 1.70 7.76 -8.68
CA MET A 87 1.09 8.94 -8.08
C MET A 87 2.06 10.10 -8.16
N THR A 88 1.56 11.28 -8.59
CA THR A 88 2.36 12.50 -8.49
C THR A 88 2.45 12.98 -7.05
N LYS A 89 3.30 14.00 -6.82
CA LYS A 89 3.37 14.61 -5.50
C LYS A 89 2.00 15.09 -5.03
N ALA A 90 1.29 15.78 -5.91
CA ALA A 90 -0.04 16.27 -5.55
C ALA A 90 -1.01 15.14 -5.28
N ASP A 91 -0.92 14.07 -6.08
CA ASP A 91 -1.73 12.88 -5.82
C ASP A 91 -1.45 12.35 -4.42
N LEU A 92 -0.17 12.21 -4.07
CA LEU A 92 0.16 11.60 -2.79
C LEU A 92 -0.50 12.34 -1.65
N VAL A 93 -0.34 13.65 -1.64
CA VAL A 93 -1.01 14.47 -0.64
C VAL A 93 -2.52 14.24 -0.67
N ASN A 94 -3.10 14.36 -1.85
CA ASN A 94 -4.56 14.28 -1.98
C ASN A 94 -5.07 12.86 -1.74
N ASN A 95 -4.63 11.90 -2.55
CA ASN A 95 -5.18 10.54 -2.49
C ASN A 95 -5.09 9.93 -1.10
N LEU A 96 -3.97 10.11 -0.41
CA LEU A 96 -3.71 9.38 0.83
C LEU A 96 -3.99 10.18 2.08
N GLY A 97 -3.95 11.51 2.00
CA GLY A 97 -4.15 12.31 3.19
C GLY A 97 -5.49 13.01 3.34
N THR A 98 -6.36 12.95 2.32
CA THR A 98 -7.55 13.80 2.30
C THR A 98 -8.79 13.17 1.67
N ILE A 99 -8.70 12.75 0.40
CA ILE A 99 -9.83 12.12 -0.28
C ILE A 99 -10.13 10.83 0.47
N ALA A 100 -11.23 10.18 0.14
CA ALA A 100 -11.71 9.00 0.86
C ALA A 100 -12.28 9.37 2.22
N LYS A 101 -12.48 10.66 2.47
CA LYS A 101 -13.24 11.08 3.65
C LYS A 101 -14.60 10.39 3.71
N SER A 102 -15.26 10.20 2.57
CA SER A 102 -16.57 9.55 2.55
C SER A 102 -16.47 8.08 2.94
N GLY A 103 -15.69 7.32 2.19
CA GLY A 103 -15.55 5.91 2.47
C GLY A 103 -15.14 5.61 3.89
N THR A 104 -14.26 6.44 4.46
CA THR A 104 -13.81 6.18 5.83
CA THR A 104 -13.81 6.19 5.83
C THR A 104 -14.98 6.34 6.81
N LYS A 105 -15.85 7.33 6.58
CA LYS A 105 -16.96 7.55 7.51
C LYS A 105 -18.01 6.45 7.41
N SER A 106 -18.36 6.06 6.18
CA SER A 106 -19.34 5.00 6.01
C SER A 106 -18.83 3.68 6.58
N PHE A 107 -17.53 3.43 6.41
CA PHE A 107 -16.98 2.18 6.91
C PHE A 107 -16.97 2.17 8.43
N MET A 108 -16.70 3.30 9.07
CA MET A 108 -16.67 3.31 10.53
C MET A 108 -18.08 3.09 11.08
N GLU A 109 -19.07 3.63 10.38
CA GLU A 109 -20.47 3.41 10.74
C GLU A 109 -20.85 1.96 10.57
N ALA A 110 -20.35 1.32 9.51
CA ALA A 110 -20.62 -0.09 9.31
C ALA A 110 -19.95 -0.93 10.38
N LEU A 111 -18.70 -0.60 10.76
CA LEU A 111 -18.06 -1.32 11.87
C LEU A 111 -18.90 -1.25 13.15
N SER A 112 -19.44 -0.07 13.47
CA SER A 112 -20.27 0.07 14.66
C SER A 112 -21.54 -0.79 14.59
N ALA A 113 -22.02 -1.07 13.39
CA ALA A 113 -23.21 -1.92 13.23
C ALA A 113 -22.88 -3.40 13.27
N GLY A 114 -21.61 -3.77 13.23
CA GLY A 114 -21.19 -5.17 13.31
C GLY A 114 -20.44 -5.66 12.11
N ALA A 115 -20.14 -4.83 11.14
CA ALA A 115 -19.48 -5.30 9.94
C ALA A 115 -18.12 -5.90 10.27
N ASP A 116 -17.76 -6.92 9.50
CA ASP A 116 -16.43 -7.48 9.63
C ASP A 116 -15.40 -6.56 8.98
N VAL A 117 -14.21 -6.50 9.58
CA VAL A 117 -13.15 -5.64 9.04
C VAL A 117 -12.79 -6.02 7.63
N SER A 118 -12.96 -7.29 7.27
CA SER A 118 -12.64 -7.75 5.93
C SER A 118 -13.52 -7.11 4.88
N MET A 119 -14.57 -6.39 5.26
CA MET A 119 -15.44 -5.69 4.32
C MET A 119 -14.89 -4.29 3.98
N ILE A 120 -13.72 -3.95 4.50
CA ILE A 120 -13.15 -2.63 4.33
C ILE A 120 -12.99 -2.27 2.85
N GLY A 121 -12.65 -3.22 1.99
CA GLY A 121 -12.46 -2.92 0.59
C GLY A 121 -13.71 -2.37 -0.08
N GLN A 122 -14.88 -2.84 0.34
CA GLN A 122 -16.13 -2.41 -0.27
C GLN A 122 -16.48 -0.96 0.00
N PHE A 123 -15.84 -0.34 0.96
CA PHE A 123 -15.97 1.09 1.17
C PHE A 123 -14.86 1.87 0.50
N GLY A 124 -13.99 1.20 -0.25
CA GLY A 124 -12.94 1.88 -0.98
C GLY A 124 -11.78 2.37 -0.15
N VAL A 125 -11.60 1.86 1.07
CA VAL A 125 -10.50 2.32 1.92
C VAL A 125 -9.65 1.15 2.41
N GLY A 126 -9.57 0.10 1.61
CA GLY A 126 -8.77 -1.09 1.96
C GLY A 126 -7.29 -0.82 2.14
N PHE A 127 -6.77 0.28 1.57
CA PHE A 127 -5.38 0.66 1.81
C PHE A 127 -5.08 0.69 3.29
N TYR A 128 -6.02 1.22 4.08
CA TYR A 128 -5.70 1.43 5.50
C TYR A 128 -5.69 0.12 6.29
N SER A 129 -6.11 -0.98 5.67
CA SER A 129 -5.96 -2.27 6.31
C SER A 129 -4.51 -2.61 6.58
N LEU A 130 -3.55 -1.90 5.96
CA LEU A 130 -2.17 -2.26 6.24
C LEU A 130 -1.83 -2.06 7.70
N PHE A 131 -2.56 -1.17 8.39
CA PHE A 131 -2.28 -0.91 9.79
C PHE A 131 -2.71 -2.06 10.70
N LEU A 132 -3.38 -3.07 10.15
CA LEU A 132 -3.57 -4.29 10.91
C LEU A 132 -2.22 -4.94 11.24
N VAL A 133 -1.26 -4.87 10.32
CA VAL A 133 -0.01 -5.59 10.50
C VAL A 133 1.19 -4.68 10.62
N ALA A 134 1.07 -3.38 10.34
CA ALA A 134 2.20 -2.49 10.36
C ALA A 134 1.89 -1.31 11.24
N ASP A 135 2.91 -0.78 11.91
CA ASP A 135 2.69 0.44 12.68
C ASP A 135 3.25 1.68 11.99
N HIS A 136 3.81 1.52 10.79
CA HIS A 136 4.46 2.62 10.09
C HIS A 136 4.55 2.19 8.62
N VAL A 137 4.38 3.15 7.70
CA VAL A 137 4.38 2.83 6.28
C VAL A 137 5.05 3.97 5.51
N GLN A 138 5.86 3.61 4.53
CA GLN A 138 6.29 4.54 3.48
C GLN A 138 5.62 4.14 2.17
N VAL A 139 5.17 5.13 1.41
CA VAL A 139 4.62 4.89 0.10
C VAL A 139 5.54 5.63 -0.89
N ILE A 140 6.26 4.87 -1.70
CA ILE A 140 7.15 5.40 -2.74
C ILE A 140 6.40 5.37 -4.07
N SER A 141 6.40 6.47 -4.81
CA SER A 141 5.59 6.44 -6.01
C SER A 141 6.22 7.30 -7.12
N LYS A 142 6.00 6.86 -8.35
CA LYS A 142 6.58 7.49 -9.54
C LYS A 142 5.55 7.43 -10.66
N HIS A 143 5.08 8.59 -11.09
CA HIS A 143 4.15 8.78 -12.19
C HIS A 143 4.92 9.31 -13.41
N ASN A 144 4.51 8.90 -14.60
CA ASN A 144 5.17 9.41 -15.82
C ASN A 144 5.13 10.92 -15.79
N ASP A 145 6.19 11.56 -16.25
CA ASP A 145 6.34 13.00 -16.30
C ASP A 145 6.40 13.70 -14.95
N ASP A 146 6.60 12.98 -13.84
CA ASP A 146 6.83 13.62 -12.53
C ASP A 146 7.98 12.86 -11.85
N GLU A 147 8.48 13.42 -10.73
CA GLU A 147 9.62 12.83 -10.02
C GLU A 147 9.15 11.73 -9.08
N GLN A 148 10.11 10.94 -8.55
CA GLN A 148 9.77 9.92 -7.53
C GLN A 148 9.71 10.57 -6.16
N TYR A 149 8.64 10.28 -5.41
CA TYR A 149 8.40 10.88 -4.11
C TYR A 149 8.17 9.79 -3.07
N VAL A 150 8.37 10.13 -1.80
CA VAL A 150 8.05 9.23 -0.69
CA VAL A 150 8.04 9.23 -0.69
C VAL A 150 7.09 9.92 0.26
N TRP A 151 5.96 9.25 0.55
CA TRP A 151 4.95 9.66 1.52
C TRP A 151 5.13 8.76 2.73
N GLU A 152 5.02 9.32 3.93
CA GLU A 152 5.35 8.55 5.14
C GLU A 152 4.37 8.84 6.28
N SER A 153 3.88 7.77 6.92
CA SER A 153 2.92 7.90 8.03
C SER A 153 3.15 6.86 9.12
N ASN A 154 2.79 7.24 10.36
CA ASN A 154 2.85 6.36 11.53
C ASN A 154 1.48 6.16 12.18
N ALA A 155 0.39 6.37 11.45
CA ALA A 155 -0.99 6.27 11.93
C ALA A 155 -1.40 7.42 12.85
N GLY A 156 -0.53 8.41 13.06
CA GLY A 156 -0.89 9.60 13.80
C GLY A 156 -1.68 10.57 12.94
N GLY A 157 -1.54 11.85 13.24
CA GLY A 157 -2.28 12.86 12.52
C GLY A 157 -1.52 13.57 11.41
N LYS A 158 -0.20 13.33 11.29
CA LYS A 158 0.61 14.00 10.28
C LYS A 158 1.28 12.99 9.37
N PHE A 159 1.48 13.39 8.12
CA PHE A 159 2.29 12.64 7.15
C PHE A 159 3.24 13.62 6.48
N THR A 160 4.27 13.06 5.84
CA THR A 160 5.23 13.86 5.10
CA THR A 160 5.22 13.86 5.09
C THR A 160 5.30 13.38 3.66
N VAL A 161 5.72 14.28 2.77
CA VAL A 161 6.01 13.94 1.38
CA VAL A 161 6.02 13.94 1.38
C VAL A 161 7.35 14.56 1.04
N THR A 162 8.27 13.76 0.49
CA THR A 162 9.64 14.18 0.22
CA THR A 162 9.60 14.24 0.17
C THR A 162 10.09 13.67 -1.15
N LEU A 163 10.82 14.49 -1.89
CA LEU A 163 11.45 14.00 -3.10
C LEU A 163 12.32 12.81 -2.71
N ASP A 164 12.26 11.73 -3.50
CA ASP A 164 12.86 10.45 -3.09
C ASP A 164 14.30 10.42 -3.59
N GLU A 165 15.24 10.58 -2.66
CA GLU A 165 16.67 10.54 -2.99
C GLU A 165 17.37 9.37 -2.29
N THR A 166 16.60 8.37 -1.84
CA THR A 166 17.19 7.27 -1.06
C THR A 166 16.73 5.88 -1.42
N ASN A 167 15.69 5.70 -2.24
CA ASN A 167 15.21 4.36 -2.59
C ASN A 167 15.56 4.03 -4.03
N GLU A 168 15.49 2.72 -4.35
CA GLU A 168 15.68 2.32 -5.73
CA GLU A 168 15.64 2.27 -5.73
C GLU A 168 14.66 3.02 -6.63
N ARG A 169 15.05 3.26 -7.87
CA ARG A 169 14.13 3.86 -8.85
C ARG A 169 13.05 2.87 -9.23
N LEU A 170 11.79 3.31 -9.21
CA LEU A 170 10.70 2.41 -9.59
C LEU A 170 10.47 2.32 -11.09
N GLY A 171 10.91 3.30 -11.84
CA GLY A 171 10.63 3.37 -13.26
C GLY A 171 9.28 3.97 -13.48
N ARG A 172 8.25 3.27 -12.98
CA ARG A 172 6.87 3.76 -12.90
C ARG A 172 6.14 2.86 -11.89
N GLY A 173 5.31 3.46 -11.04
CA GLY A 173 4.48 2.66 -10.16
C GLY A 173 4.61 3.08 -8.72
N THR A 174 4.30 2.14 -7.83
CA THR A 174 4.21 2.43 -6.40
C THR A 174 4.77 1.25 -5.63
N MET A 175 5.47 1.58 -4.55
CA MET A 175 5.93 0.57 -3.60
C MET A 175 5.56 1.00 -2.19
N LEU A 176 4.79 0.16 -1.51
CA LEU A 176 4.47 0.31 -0.11
C LEU A 176 5.54 -0.43 0.67
N ARG A 177 6.06 0.21 1.70
CA ARG A 177 7.06 -0.37 2.59
CA ARG A 177 7.06 -0.37 2.59
C ARG A 177 6.38 -0.45 3.95
N LEU A 178 6.00 -1.65 4.36
CA LEU A 178 5.28 -1.87 5.61
C LEU A 178 6.27 -2.25 6.71
N PHE A 179 6.37 -1.41 7.72
CA PHE A 179 7.18 -1.69 8.93
C PHE A 179 6.32 -2.51 9.87
N LEU A 180 6.54 -3.82 9.86
CA LEU A 180 5.61 -4.76 10.48
C LEU A 180 5.71 -4.68 12.01
N LYS A 181 4.56 -4.85 12.65
CA LYS A 181 4.48 -5.01 14.10
C LYS A 181 5.27 -6.25 14.52
N GLU A 182 5.76 -6.22 15.77
CA GLU A 182 6.63 -7.31 16.23
C GLU A 182 5.92 -8.67 16.31
N ASP A 183 4.60 -8.72 16.43
CA ASP A 183 3.89 -10.01 16.40
C ASP A 183 3.34 -10.38 15.03
N GLN A 184 3.72 -9.66 13.96
CA GLN A 184 3.19 -9.94 12.64
C GLN A 184 4.28 -10.34 11.66
N LEU A 185 5.40 -10.85 12.15
CA LEU A 185 6.54 -11.13 11.30
C LEU A 185 6.35 -12.39 10.46
N GLU A 186 5.26 -13.11 10.67
CA GLU A 186 4.98 -14.26 9.82
C GLU A 186 4.87 -13.85 8.36
N TYR A 187 4.46 -12.59 8.08
CA TYR A 187 4.26 -12.17 6.71
C TYR A 187 5.57 -11.84 6.00
N LEU A 188 6.71 -12.11 6.62
CA LEU A 188 7.99 -12.09 5.92
C LEU A 188 8.36 -13.44 5.33
N GLU A 189 7.56 -14.48 5.60
CA GLU A 189 7.91 -15.85 5.26
C GLU A 189 7.31 -16.28 3.95
N GLU A 190 8.14 -16.89 3.10
CA GLU A 190 7.75 -17.31 1.77
C GLU A 190 6.50 -18.18 1.84
N LYS A 191 6.50 -19.17 2.72
CA LYS A 191 5.37 -20.10 2.76
C LYS A 191 4.08 -19.39 3.14
N ARG A 192 4.14 -18.51 4.15
CA ARG A 192 2.96 -17.76 4.57
C ARG A 192 2.44 -16.85 3.46
N ILE A 193 3.35 -16.11 2.81
CA ILE A 193 2.92 -15.21 1.74
C ILE A 193 2.24 -15.99 0.64
N LYS A 194 2.85 -17.10 0.21
CA LYS A 194 2.22 -17.91 -0.85
C LYS A 194 0.81 -18.33 -0.45
N GLU A 195 0.64 -18.81 0.78
CA GLU A 195 -0.66 -19.28 1.24
C GLU A 195 -1.71 -18.19 1.11
N VAL A 196 -1.37 -16.98 1.56
CA VAL A 196 -2.33 -15.90 1.60
C VAL A 196 -2.67 -15.45 0.18
N VAL A 197 -1.66 -15.38 -0.71
CA VAL A 197 -1.91 -14.98 -2.08
C VAL A 197 -2.83 -15.99 -2.77
N LYS A 198 -2.52 -17.28 -2.64
CA LYS A 198 -3.31 -18.31 -3.28
C LYS A 198 -4.74 -18.32 -2.74
N LYS A 199 -4.91 -17.99 -1.46
CA LYS A 199 -6.23 -18.08 -0.85
C LYS A 199 -7.13 -16.94 -1.30
N HIS A 200 -6.60 -15.72 -1.40
CA HIS A 200 -7.42 -14.53 -1.51
C HIS A 200 -7.25 -13.77 -2.80
N SER A 201 -6.26 -14.09 -3.62
CA SER A 201 -5.97 -13.30 -4.82
C SER A 201 -5.85 -14.18 -6.05
N GLU A 202 -6.76 -15.16 -6.23
CA GLU A 202 -6.68 -16.05 -7.37
C GLU A 202 -7.01 -15.36 -8.71
N PHE A 203 -7.87 -14.34 -8.69
CA PHE A 203 -8.34 -13.71 -9.91
C PHE A 203 -7.73 -12.31 -10.05
N VAL A 204 -6.46 -12.31 -10.43
CA VAL A 204 -5.71 -11.09 -10.65
C VAL A 204 -5.09 -11.18 -12.05
N ALA A 205 -5.19 -10.12 -12.82
CA ALA A 205 -4.85 -10.15 -14.24
C ALA A 205 -3.36 -10.03 -14.49
N TYR A 206 -2.57 -9.75 -13.46
CA TYR A 206 -1.16 -9.42 -13.53
C TYR A 206 -0.37 -10.44 -12.72
N PRO A 207 0.85 -10.72 -13.12
CA PRO A 207 1.63 -11.68 -12.37
C PRO A 207 1.94 -11.14 -10.98
N ILE A 208 1.82 -12.01 -9.99
CA ILE A 208 2.17 -11.71 -8.60
C ILE A 208 3.49 -12.41 -8.34
N GLN A 209 4.56 -11.61 -8.24
CA GLN A 209 5.93 -12.14 -8.10
C GLN A 209 6.36 -12.04 -6.63
N LEU A 210 7.01 -13.09 -6.14
CA LEU A 210 7.56 -13.13 -4.79
C LEU A 210 9.07 -13.19 -4.90
N VAL A 211 9.74 -12.30 -4.19
CA VAL A 211 11.20 -12.23 -4.18
C VAL A 211 11.68 -13.00 -2.97
N VAL A 212 12.43 -14.06 -3.20
CA VAL A 212 12.90 -14.89 -2.11
C VAL A 212 14.42 -14.89 -2.14
N THR A 213 15.01 -14.79 -0.96
CA THR A 213 16.46 -14.75 -0.77
C THR A 213 16.89 -16.06 -0.14
N LYS A 214 17.68 -16.85 -0.87
CA LYS A 214 18.13 -18.16 -0.40
C LYS A 214 19.65 -18.24 -0.41
N GLU A 215 20.20 -18.92 0.59
CA GLU A 215 21.64 -19.15 0.62
C GLU A 215 21.99 -20.28 -0.33
N VAL A 216 23.07 -20.11 -1.08
CA VAL A 216 23.63 -21.18 -1.90
C VAL A 216 24.50 -22.06 -1.02
N GLU A 217 24.18 -23.36 -0.94
CA GLU A 217 25.02 -24.27 -0.15
C GLU A 217 25.53 -25.44 -0.95
#